data_7KUB
#
_entry.id   7KUB
#
_entity_poly.entity_id   1
_entity_poly.type   'polyribonucleotide'
_entity_poly.pdbx_seq_one_letter_code
;CUGCUCUACCUUCACCAUGCCAAGUGGUCCCAGGCUGCACCCAUGGCAGAAGGAGGGCAG
;
_entity_poly.pdbx_strand_id   A
#